data_3P09
#
_entry.id   3P09
#
_cell.length_a   77.652
_cell.length_b   143.466
_cell.length_c   46.890
_cell.angle_alpha   90.00
_cell.angle_beta   90.00
_cell.angle_gamma   90.00
#
_symmetry.space_group_name_H-M   'P 21 21 2'
#
loop_
_entity.id
_entity.type
_entity.pdbx_description
1 polymer Beta-lactamase
2 non-polymer 'SULFATE ION'
3 non-polymer GLYCEROL
4 water water
#
_entity_poly.entity_id   1
_entity_poly.type   'polypeptide(L)'
_entity_poly.pdbx_seq_one_letter_code
;SNA(MSE)RLLVTTLSLIPSIILAAPQLDDSFKNLENKYDGKIGIYTLNTDDKTNIKYNESYHFPICSVFKFLLVGAILD
YD(MSE)HNQGFLDKKIPINQDDIGKLGYAPITAKNVGKTLTISQLNYAAILSDSPASNILVRELGGLQNLNKFIKKLGD
NDTIITADEPEINYTQPHSNINKTTPKAITKDIYKLAFGNILDKKHKDIFIKYLQDNNTGANRIAFS(MSE)PKDWIIGD
KTGTCGQYAATNDVAIIWPKNQQPIALGILYTNPNDKNAPSNEEIIQQAAKLIANDLTNTYK
;
_entity_poly.pdbx_strand_id   A,B
#
loop_
_chem_comp.id
_chem_comp.type
_chem_comp.name
_chem_comp.formula
GOL non-polymer GLYCEROL 'C3 H8 O3'
SO4 non-polymer 'SULFATE ION' 'O4 S -2'
#
# COMPACT_ATOMS: atom_id res chain seq x y z
N GLN A 23 13.63 -13.85 -11.33
CA GLN A 23 13.12 -14.43 -12.57
C GLN A 23 11.64 -14.79 -12.48
N LEU A 24 11.19 -15.25 -11.31
CA LEU A 24 9.76 -15.31 -11.09
C LEU A 24 9.25 -13.88 -11.22
N ASP A 25 9.95 -12.95 -10.57
CA ASP A 25 9.64 -11.53 -10.66
C ASP A 25 9.53 -11.07 -12.12
N ASP A 26 10.51 -11.46 -12.94
CA ASP A 26 10.52 -11.08 -14.35
C ASP A 26 9.29 -11.63 -15.06
N SER A 27 8.89 -12.85 -14.69
CA SER A 27 7.75 -13.50 -15.32
C SER A 27 6.42 -12.84 -14.94
N PHE A 28 6.28 -12.43 -13.69
CA PHE A 28 5.07 -11.73 -13.29
C PHE A 28 5.00 -10.36 -13.97
N LYS A 29 6.13 -9.68 -14.06
CA LYS A 29 6.20 -8.40 -14.77
C LYS A 29 5.81 -8.54 -16.25
N ASN A 30 6.19 -9.65 -16.87
CA ASN A 30 5.79 -9.89 -18.25
C ASN A 30 4.27 -10.00 -18.38
N LEU A 31 3.63 -10.62 -17.39
CA LEU A 31 2.18 -10.72 -17.42
C LEU A 31 1.53 -9.34 -17.35
N GLU A 32 2.09 -8.45 -16.54
CA GLU A 32 1.58 -7.08 -16.43
C GLU A 32 1.74 -6.31 -17.74
N ASN A 33 2.89 -6.45 -18.37
CA ASN A 33 3.16 -5.82 -19.67
C ASN A 33 2.18 -6.32 -20.72
N LYS A 34 1.90 -7.61 -20.66
CA LYS A 34 1.04 -8.27 -21.63
C LYS A 34 -0.42 -7.82 -21.48
N TYR A 35 -0.89 -7.69 -20.24
CA TYR A 35 -2.32 -7.48 -20.00
C TYR A 35 -2.71 -6.12 -19.40
N ASP A 36 -1.71 -5.27 -19.14
CA ASP A 36 -1.88 -4.05 -18.39
C ASP A 36 -2.28 -4.35 -16.94
N GLY A 37 -2.29 -3.31 -16.11
CA GLY A 37 -2.68 -3.44 -14.72
C GLY A 37 -1.62 -4.07 -13.82
N LYS A 38 -2.06 -4.57 -12.68
CA LYS A 38 -1.16 -5.06 -11.64
C LYS A 38 -1.58 -6.44 -11.19
N ILE A 39 -0.62 -7.33 -11.02
CA ILE A 39 -0.91 -8.64 -10.45
C ILE A 39 -0.22 -8.75 -9.09
N GLY A 40 -0.90 -9.36 -8.13
CA GLY A 40 -0.36 -9.48 -6.79
C GLY A 40 -0.40 -10.94 -6.39
N ILE A 41 0.69 -11.42 -5.81
CA ILE A 41 0.89 -12.84 -5.55
C ILE A 41 1.47 -13.03 -4.15
N TYR A 42 0.93 -13.98 -3.39
CA TYR A 42 1.59 -14.36 -2.15
C TYR A 42 1.37 -15.84 -1.90
N THR A 43 2.42 -16.53 -1.47
CA THR A 43 2.27 -17.93 -1.05
C THR A 43 2.70 -18.07 0.39
N LEU A 44 2.10 -19.01 1.11
CA LEU A 44 2.43 -19.20 2.49
C LEU A 44 2.63 -20.68 2.76
N ASN A 45 3.81 -21.03 3.26
CA ASN A 45 4.15 -22.41 3.61
C ASN A 45 3.98 -22.68 5.10
N THR A 46 4.03 -23.96 5.46
CA THR A 46 3.76 -24.37 6.82
C THR A 46 4.91 -24.05 7.78
N ASN A 51 9.23 -18.88 -0.48
CA ASN A 51 8.13 -17.94 -0.36
C ASN A 51 8.01 -17.05 -1.60
N ILE A 52 7.06 -17.35 -2.48
CA ILE A 52 6.88 -16.60 -3.73
C ILE A 52 5.96 -15.40 -3.50
N LYS A 53 6.40 -14.21 -3.88
CA LYS A 53 5.61 -13.01 -3.60
C LYS A 53 5.89 -11.96 -4.67
N TYR A 54 4.88 -11.16 -5.00
CA TYR A 54 5.05 -10.12 -6.01
C TYR A 54 3.95 -9.10 -5.82
N ASN A 55 4.33 -7.82 -5.67
CA ASN A 55 3.37 -6.79 -5.31
C ASN A 55 2.54 -7.19 -4.10
N GLU A 56 3.16 -7.87 -3.13
CA GLU A 56 2.38 -8.50 -2.08
C GLU A 56 1.77 -7.50 -1.09
N SER A 57 2.21 -6.24 -1.17
CA SER A 57 1.69 -5.19 -0.30
C SER A 57 0.91 -4.13 -1.07
N TYR A 58 0.65 -4.40 -2.34
CA TYR A 58 -0.21 -3.52 -3.15
C TYR A 58 -1.66 -3.82 -2.78
N HIS A 59 -2.51 -2.79 -2.78
CA HIS A 59 -3.92 -2.98 -2.42
C HIS A 59 -4.79 -3.17 -3.66
N PHE A 60 -5.62 -4.21 -3.62
CA PHE A 60 -6.48 -4.64 -4.71
C PHE A 60 -7.93 -4.69 -4.20
N PRO A 61 -8.89 -4.39 -5.08
CA PRO A 61 -10.30 -4.66 -4.71
C PRO A 61 -10.45 -6.09 -4.19
N ILE A 62 -11.12 -6.26 -3.04
CA ILE A 62 -11.29 -7.60 -2.49
C ILE A 62 -12.46 -8.33 -3.16
N CYS A 63 -13.49 -7.59 -3.55
CA CYS A 63 -14.64 -8.18 -4.21
C CYS A 63 -15.20 -9.32 -3.33
N SER A 64 -15.71 -10.37 -3.97
CA SER A 64 -16.35 -11.47 -3.25
C SER A 64 -15.42 -12.29 -2.38
N VAL A 65 -14.11 -12.06 -2.47
CA VAL A 65 -13.20 -12.81 -1.60
C VAL A 65 -13.51 -12.58 -0.11
N PHE A 66 -14.05 -11.42 0.22
CA PHE A 66 -14.38 -11.14 1.62
C PHE A 66 -15.28 -12.26 2.20
N LYS A 67 -15.98 -12.98 1.33
CA LYS A 67 -16.92 -13.97 1.85
C LYS A 67 -16.26 -15.09 2.68
N PHE A 68 -14.98 -15.38 2.44
CA PHE A 68 -14.33 -16.41 3.27
C PHE A 68 -13.97 -15.88 4.65
N LEU A 69 -13.68 -14.58 4.75
CA LEU A 69 -13.47 -13.95 6.06
C LEU A 69 -14.75 -13.96 6.88
N LEU A 70 -15.85 -13.69 6.19
CA LEU A 70 -17.18 -13.68 6.82
C LEU A 70 -17.52 -15.06 7.37
N VAL A 71 -17.28 -16.10 6.57
CA VAL A 71 -17.56 -17.45 7.01
C VAL A 71 -16.63 -17.85 8.16
N GLY A 72 -15.37 -17.43 8.08
CA GLY A 72 -14.47 -17.62 9.20
C GLY A 72 -15.02 -17.00 10.48
N ALA A 73 -15.52 -15.78 10.37
CA ALA A 73 -16.12 -15.07 11.49
C ALA A 73 -17.31 -15.83 12.06
N ILE A 74 -18.13 -16.37 11.17
CA ILE A 74 -19.30 -17.14 11.60
C ILE A 74 -18.87 -18.38 12.36
N LEU A 75 -17.82 -19.05 11.90
CA LEU A 75 -17.33 -20.26 12.58
C LEU A 75 -16.77 -19.93 13.96
N ASP A 76 -16.08 -18.80 14.05
CA ASP A 76 -15.55 -18.34 15.32
C ASP A 76 -16.73 -18.06 16.24
N TYR A 77 -17.75 -17.42 15.70
CA TYR A 77 -18.96 -17.11 16.47
C TYR A 77 -19.54 -18.40 17.05
N ASP A 78 -19.64 -19.42 16.20
CA ASP A 78 -20.19 -20.70 16.61
C ASP A 78 -19.41 -21.30 17.78
N MSE A 79 -18.09 -21.14 17.74
N MSE A 79 -18.08 -21.12 17.75
CA MSE A 79 -17.26 -21.62 18.83
CA MSE A 79 -17.27 -21.64 18.85
C MSE A 79 -17.63 -20.94 20.15
C MSE A 79 -17.61 -20.94 20.15
O MSE A 79 -17.63 -21.58 21.21
O MSE A 79 -17.56 -21.54 21.23
CB MSE A 79 -15.78 -21.40 18.51
CB MSE A 79 -15.77 -21.49 18.54
CG MSE A 79 -15.22 -22.38 17.49
CG MSE A 79 -14.89 -22.44 19.33
SE MSE A 79 -13.40 -21.92 17.02
SE MSE A 79 -13.01 -22.34 18.81
CE MSE A 79 -12.56 -22.07 18.77
CE MSE A 79 -13.26 -21.83 16.96
N HIS A 80 -17.96 -19.65 20.07
CA HIS A 80 -18.33 -18.88 21.27
C HIS A 80 -19.81 -18.91 21.58
N ASN A 81 -20.60 -19.48 20.66
CA ASN A 81 -22.04 -19.49 20.79
C ASN A 81 -22.53 -20.85 20.31
N GLN A 82 -22.36 -21.87 21.14
N GLN A 82 -22.36 -21.87 21.14
CA GLN A 82 -22.62 -23.24 20.72
CA GLN A 82 -22.61 -23.26 20.73
C GLN A 82 -24.00 -23.42 20.10
C GLN A 82 -23.99 -23.44 20.11
N GLY A 83 -24.05 -24.13 18.97
CA GLY A 83 -25.30 -24.41 18.29
C GLY A 83 -25.64 -23.45 17.15
N PHE A 84 -24.86 -22.39 17.01
CA PHE A 84 -25.14 -21.37 16.00
C PHE A 84 -25.20 -21.91 14.57
N LEU A 85 -24.33 -22.86 14.23
CA LEU A 85 -24.31 -23.42 12.87
C LEU A 85 -25.62 -24.11 12.49
N ASP A 86 -26.33 -24.64 13.49
CA ASP A 86 -27.58 -25.35 13.25
C ASP A 86 -28.80 -24.44 13.30
N LYS A 87 -28.56 -23.15 13.56
CA LYS A 87 -29.65 -22.18 13.73
C LYS A 87 -30.38 -21.93 12.43
N LYS A 88 -31.72 -21.99 12.47
CA LYS A 88 -32.54 -21.85 11.28
C LYS A 88 -32.84 -20.40 10.96
N ILE A 89 -32.54 -20.00 9.72
CA ILE A 89 -32.74 -18.63 9.28
C ILE A 89 -33.75 -18.58 8.17
N PRO A 90 -34.85 -17.84 8.36
CA PRO A 90 -35.82 -17.60 7.28
C PRO A 90 -35.18 -16.88 6.09
N ILE A 91 -35.47 -17.36 4.89
CA ILE A 91 -35.00 -16.69 3.68
C ILE A 91 -36.18 -15.92 3.10
N ASN A 92 -36.09 -14.59 3.08
CA ASN A 92 -37.18 -13.74 2.60
C ASN A 92 -36.86 -13.13 1.24
N GLN A 93 -37.88 -12.75 0.48
CA GLN A 93 -37.68 -12.20 -0.86
C GLN A 93 -36.80 -10.96 -0.80
N ASP A 94 -37.01 -10.13 0.21
CA ASP A 94 -36.23 -8.91 0.36
C ASP A 94 -34.75 -9.21 0.66
N ASP A 95 -34.45 -10.44 1.07
CA ASP A 95 -33.05 -10.85 1.24
C ASP A 95 -32.36 -10.95 -0.11
N ILE A 96 -33.13 -11.39 -1.11
CA ILE A 96 -32.62 -11.54 -2.46
C ILE A 96 -32.50 -10.15 -3.08
N GLY A 97 -33.57 -9.38 -3.00
CA GLY A 97 -33.57 -8.01 -3.52
C GLY A 97 -33.29 -7.98 -5.01
N LYS A 98 -32.36 -7.14 -5.43
CA LYS A 98 -31.97 -7.08 -6.84
C LYS A 98 -30.62 -7.76 -7.08
N LEU A 99 -30.20 -8.61 -6.14
CA LEU A 99 -28.97 -9.36 -6.29
C LEU A 99 -29.19 -10.52 -7.26
N GLY A 100 -28.40 -10.54 -8.33
CA GLY A 100 -28.61 -11.48 -9.41
C GLY A 100 -28.01 -12.85 -9.21
N TYR A 101 -26.92 -12.95 -8.46
CA TYR A 101 -26.28 -14.25 -8.27
C TYR A 101 -26.65 -14.87 -6.91
N ALA A 102 -27.65 -15.75 -6.92
CA ALA A 102 -28.21 -16.33 -5.70
C ALA A 102 -28.55 -17.80 -5.94
N PRO A 103 -27.54 -18.58 -6.26
CA PRO A 103 -27.81 -19.96 -6.71
C PRO A 103 -28.52 -20.81 -5.64
N ILE A 104 -28.20 -20.64 -4.37
CA ILE A 104 -28.87 -21.41 -3.33
C ILE A 104 -30.05 -20.64 -2.72
N THR A 105 -29.82 -19.39 -2.31
CA THR A 105 -30.87 -18.66 -1.60
C THR A 105 -32.13 -18.47 -2.45
N ALA A 106 -31.96 -18.28 -3.75
CA ALA A 106 -33.10 -18.06 -4.63
C ALA A 106 -34.00 -19.29 -4.69
N LYS A 107 -33.48 -20.46 -4.35
CA LYS A 107 -34.29 -21.67 -4.38
C LYS A 107 -35.00 -21.91 -3.03
N ASN A 108 -34.84 -20.99 -2.10
CA ASN A 108 -35.35 -21.22 -0.74
C ASN A 108 -36.15 -20.08 -0.13
N VAL A 109 -36.69 -19.21 -0.98
CA VAL A 109 -37.52 -18.11 -0.50
C VAL A 109 -38.78 -18.65 0.13
N GLY A 110 -39.09 -18.18 1.34
CA GLY A 110 -40.26 -18.64 2.07
C GLY A 110 -39.98 -19.88 2.89
N LYS A 111 -38.74 -20.38 2.80
CA LYS A 111 -38.31 -21.50 3.64
C LYS A 111 -37.18 -21.02 4.57
N THR A 112 -36.51 -21.96 5.22
CA THR A 112 -35.38 -21.60 6.07
C THR A 112 -34.14 -22.38 5.67
N LEU A 113 -32.98 -21.81 5.99
CA LEU A 113 -31.69 -22.45 5.79
C LEU A 113 -30.91 -22.34 7.10
N THR A 114 -30.11 -23.35 7.45
CA THR A 114 -29.26 -23.24 8.63
C THR A 114 -28.12 -22.26 8.36
N ILE A 115 -27.51 -21.74 9.41
CA ILE A 115 -26.30 -20.92 9.26
C ILE A 115 -25.24 -21.68 8.44
N SER A 116 -25.07 -22.97 8.71
CA SER A 116 -24.06 -23.73 7.97
C SER A 116 -24.39 -23.79 6.49
N GLN A 117 -25.66 -23.96 6.16
CA GLN A 117 -26.07 -23.96 4.74
C GLN A 117 -25.80 -22.61 4.09
N LEU A 118 -25.94 -21.53 4.85
CA LEU A 118 -25.68 -20.20 4.34
C LEU A 118 -24.18 -20.00 4.15
N ASN A 119 -23.38 -20.57 5.04
CA ASN A 119 -21.93 -20.52 4.87
C ASN A 119 -21.53 -21.15 3.54
N TYR A 120 -22.07 -22.34 3.29
CA TYR A 120 -21.78 -23.05 2.05
C TYR A 120 -22.14 -22.18 0.86
N ALA A 121 -23.33 -21.60 0.90
CA ALA A 121 -23.79 -20.71 -0.16
C ALA A 121 -22.86 -19.51 -0.35
N ALA A 122 -22.44 -18.89 0.75
CA ALA A 122 -21.55 -17.72 0.69
C ALA A 122 -20.21 -18.05 0.06
N ILE A 123 -19.66 -19.21 0.40
CA ILE A 123 -18.38 -19.63 -0.17
C ILE A 123 -18.52 -19.92 -1.66
N LEU A 124 -19.71 -20.36 -2.06
CA LEU A 124 -20.02 -20.50 -3.47
C LEU A 124 -20.41 -19.15 -4.08
N SER A 125 -20.23 -18.08 -3.30
CA SER A 125 -20.43 -16.70 -3.76
C SER A 125 -21.89 -16.19 -3.87
N ASP A 126 -22.81 -16.90 -3.24
CA ASP A 126 -24.22 -16.49 -3.15
C ASP A 126 -24.30 -15.16 -2.40
N SER A 127 -24.77 -14.11 -3.07
CA SER A 127 -24.76 -12.76 -2.50
C SER A 127 -25.79 -12.55 -1.38
N PRO A 128 -27.04 -12.96 -1.61
CA PRO A 128 -27.99 -12.83 -0.50
C PRO A 128 -27.55 -13.61 0.72
N ALA A 129 -26.97 -14.79 0.52
CA ALA A 129 -26.49 -15.59 1.63
C ALA A 129 -25.47 -14.79 2.46
N SER A 130 -24.58 -14.10 1.76
CA SER A 130 -23.53 -13.30 2.40
C SER A 130 -24.12 -12.17 3.22
N ASN A 131 -25.09 -11.46 2.65
CA ASN A 131 -25.69 -10.34 3.38
C ASN A 131 -26.42 -10.84 4.63
N ILE A 132 -27.07 -11.99 4.52
CA ILE A 132 -27.75 -12.59 5.68
C ILE A 132 -26.75 -12.91 6.78
N LEU A 133 -25.60 -13.47 6.41
CA LEU A 133 -24.58 -13.84 7.38
C LEU A 133 -24.03 -12.63 8.11
N VAL A 134 -23.78 -11.56 7.36
CA VAL A 134 -23.30 -10.30 7.94
C VAL A 134 -24.30 -9.82 8.99
N ARG A 135 -25.59 -9.87 8.65
CA ARG A 135 -26.63 -9.48 9.59
C ARG A 135 -26.64 -10.41 10.81
N GLU A 136 -26.61 -11.72 10.58
CA GLU A 136 -26.70 -12.67 11.70
C GLU A 136 -25.45 -12.64 12.57
N LEU A 137 -24.34 -12.15 12.01
CA LEU A 137 -23.10 -11.96 12.76
C LEU A 137 -23.19 -10.75 13.68
N GLY A 138 -24.10 -9.84 13.35
CA GLY A 138 -24.26 -8.62 14.11
C GLY A 138 -23.82 -7.38 13.35
N GLY A 139 -23.54 -7.53 12.05
CA GLY A 139 -23.19 -6.39 11.22
C GLY A 139 -21.72 -6.30 10.86
N LEU A 140 -21.38 -5.30 10.07
CA LEU A 140 -20.02 -5.15 9.55
C LEU A 140 -18.97 -4.82 10.61
N GLN A 141 -19.37 -4.12 11.66
CA GLN A 141 -18.45 -3.80 12.71
C GLN A 141 -17.88 -5.06 13.34
N ASN A 142 -18.74 -6.04 13.57
CA ASN A 142 -18.30 -7.32 14.12
C ASN A 142 -17.37 -8.08 13.19
N LEU A 143 -17.66 -8.03 11.89
CA LEU A 143 -16.79 -8.65 10.90
C LEU A 143 -15.40 -8.03 10.93
N ASN A 144 -15.34 -6.69 10.91
CA ASN A 144 -14.04 -6.02 10.98
C ASN A 144 -13.28 -6.29 12.28
N LYS A 145 -14.00 -6.39 13.39
CA LYS A 145 -13.37 -6.84 14.63
C LYS A 145 -12.73 -8.22 14.46
N PHE A 146 -13.45 -9.14 13.83
CA PHE A 146 -12.89 -10.47 13.61
C PHE A 146 -11.65 -10.43 12.71
N ILE A 147 -11.73 -9.67 11.63
CA ILE A 147 -10.59 -9.51 10.73
C ILE A 147 -9.35 -9.02 11.50
N LYS A 148 -9.54 -8.05 12.39
CA LYS A 148 -8.43 -7.58 13.22
C LYS A 148 -7.90 -8.68 14.16
N LYS A 149 -8.81 -9.50 14.69
CA LYS A 149 -8.41 -10.62 15.55
C LYS A 149 -7.51 -11.61 14.81
N LEU A 150 -7.74 -11.75 13.50
CA LEU A 150 -6.90 -12.59 12.64
C LEU A 150 -5.48 -12.06 12.48
N GLY A 151 -5.26 -10.80 12.85
CA GLY A 151 -3.97 -10.17 12.66
C GLY A 151 -3.89 -9.36 11.37
N ASP A 152 -5.05 -9.18 10.73
CA ASP A 152 -5.13 -8.48 9.45
C ASP A 152 -5.45 -7.00 9.64
N ASN A 153 -4.46 -6.14 9.45
CA ASN A 153 -4.67 -4.70 9.54
C ASN A 153 -4.62 -4.01 8.19
N ASP A 154 -4.69 -4.78 7.11
CA ASP A 154 -4.63 -4.20 5.77
C ASP A 154 -5.99 -4.22 5.07
N THR A 155 -6.81 -5.21 5.39
CA THR A 155 -8.11 -5.40 4.75
C THR A 155 -9.14 -4.41 5.32
N ILE A 156 -9.74 -3.60 4.46
CA ILE A 156 -10.73 -2.62 4.90
C ILE A 156 -12.08 -2.85 4.23
N ILE A 157 -13.04 -3.36 4.98
CA ILE A 157 -14.37 -3.64 4.44
C ILE A 157 -15.39 -2.66 5.02
N THR A 158 -16.15 -1.99 4.15
CA THR A 158 -17.06 -0.95 4.63
C THR A 158 -18.47 -1.16 4.13
N ALA A 159 -18.69 -2.27 3.44
CA ALA A 159 -20.01 -2.57 2.91
C ALA A 159 -20.18 -4.05 2.61
N ASP A 160 -21.43 -4.47 2.43
CA ASP A 160 -21.71 -5.82 1.99
C ASP A 160 -22.05 -5.78 0.49
N GLU A 161 -22.84 -6.75 0.01
CA GLU A 161 -23.09 -6.88 -1.43
C GLU A 161 -24.27 -6.04 -1.86
N PRO A 162 -24.16 -5.37 -3.02
CA PRO A 162 -23.02 -5.41 -3.94
C PRO A 162 -22.04 -4.23 -3.78
N GLU A 163 -22.31 -3.34 -2.83
CA GLU A 163 -21.51 -2.12 -2.69
C GLU A 163 -20.02 -2.42 -2.45
N ILE A 164 -19.72 -3.55 -1.81
CA ILE A 164 -18.34 -3.96 -1.56
C ILE A 164 -17.51 -3.98 -2.85
N ASN A 165 -18.18 -4.12 -3.99
CA ASN A 165 -17.48 -4.24 -5.26
C ASN A 165 -16.94 -2.94 -5.83
N TYR A 166 -17.35 -1.82 -5.26
CA TYR A 166 -17.01 -0.51 -5.82
C TYR A 166 -15.86 0.11 -5.06
N THR A 167 -14.79 0.41 -5.80
CA THR A 167 -13.62 0.98 -5.18
C THR A 167 -13.21 2.21 -5.96
N GLN A 168 -12.17 2.88 -5.48
N GLN A 168 -12.18 2.89 -5.46
CA GLN A 168 -11.56 3.95 -6.24
CA GLN A 168 -11.53 3.98 -6.18
C GLN A 168 -10.07 3.67 -6.26
C GLN A 168 -10.05 3.64 -6.26
N PRO A 169 -9.40 4.05 -7.36
CA PRO A 169 -7.99 3.71 -7.57
C PRO A 169 -7.06 4.06 -6.40
N HIS A 170 -7.28 5.20 -5.75
CA HIS A 170 -6.32 5.65 -4.73
C HIS A 170 -6.81 5.47 -3.30
N SER A 171 -7.94 4.81 -3.14
CA SER A 171 -8.47 4.53 -1.81
C SER A 171 -8.33 3.04 -1.48
N ASN A 172 -7.96 2.75 -0.24
CA ASN A 172 -7.85 1.35 0.20
C ASN A 172 -9.16 0.77 0.73
N ILE A 173 -10.22 1.57 0.69
CA ILE A 173 -11.55 1.09 1.09
C ILE A 173 -11.96 -0.09 0.22
N ASN A 174 -12.47 -1.13 0.88
CA ASN A 174 -12.90 -2.36 0.19
C ASN A 174 -11.78 -3.01 -0.60
N LYS A 175 -10.55 -2.88 -0.09
CA LYS A 175 -9.39 -3.53 -0.71
C LYS A 175 -8.62 -4.37 0.31
N THR A 176 -7.76 -5.24 -0.19
CA THR A 176 -6.87 -6.02 0.67
C THR A 176 -5.53 -6.13 -0.07
N THR A 177 -4.54 -6.79 0.56
CA THR A 177 -3.26 -7.04 -0.11
C THR A 177 -3.10 -8.56 -0.30
N PRO A 178 -2.29 -8.97 -1.29
CA PRO A 178 -2.07 -10.41 -1.43
C PRO A 178 -1.53 -11.04 -0.14
N LYS A 179 -0.64 -10.33 0.56
CA LYS A 179 -0.07 -10.89 1.77
C LYS A 179 -1.14 -11.09 2.85
N ALA A 180 -1.94 -10.05 3.09
CA ALA A 180 -2.90 -10.09 4.18
C ALA A 180 -3.96 -11.16 3.95
N ILE A 181 -4.50 -11.21 2.73
CA ILE A 181 -5.61 -12.09 2.45
C ILE A 181 -5.15 -13.54 2.41
N THR A 182 -3.90 -13.77 2.04
CA THR A 182 -3.35 -15.13 1.96
C THR A 182 -2.97 -15.65 3.35
N LYS A 183 -2.34 -14.81 4.17
CA LYS A 183 -2.15 -15.15 5.58
C LYS A 183 -3.51 -15.47 6.24
N ASP A 184 -4.55 -14.73 5.86
CA ASP A 184 -5.88 -14.95 6.45
C ASP A 184 -6.43 -16.35 6.16
N ILE A 185 -6.38 -16.75 4.90
CA ILE A 185 -6.97 -18.04 4.54
C ILE A 185 -6.16 -19.18 5.18
N TYR A 186 -4.85 -18.99 5.25
CA TYR A 186 -3.99 -20.01 5.86
C TYR A 186 -4.27 -20.12 7.34
N LYS A 187 -4.39 -18.97 8.00
CA LYS A 187 -4.61 -18.96 9.44
C LYS A 187 -5.95 -19.62 9.76
N LEU A 188 -6.97 -19.33 8.95
CA LEU A 188 -8.29 -19.91 9.19
C LEU A 188 -8.30 -21.44 9.01
N ALA A 189 -7.60 -21.92 7.99
CA ALA A 189 -7.65 -23.33 7.66
C ALA A 189 -6.68 -24.16 8.52
N PHE A 190 -5.56 -23.56 8.91
CA PHE A 190 -4.48 -24.31 9.56
C PHE A 190 -3.98 -23.73 10.88
N GLY A 191 -4.43 -22.52 11.21
CA GLY A 191 -3.90 -21.80 12.35
C GLY A 191 -4.57 -22.07 13.68
N ASN A 192 -4.43 -21.14 14.60
CA ASN A 192 -4.90 -21.37 15.97
C ASN A 192 -6.09 -20.53 16.41
N ILE A 193 -6.88 -20.03 15.46
CA ILE A 193 -8.09 -19.31 15.88
C ILE A 193 -9.34 -20.20 15.89
N LEU A 194 -9.52 -21.00 14.84
CA LEU A 194 -10.57 -22.00 14.81
C LEU A 194 -10.02 -23.31 15.36
N ASP A 195 -10.85 -24.12 16.01
CA ASP A 195 -10.37 -25.40 16.53
C ASP A 195 -10.43 -26.44 15.43
N LYS A 196 -10.01 -27.67 15.73
CA LYS A 196 -9.97 -28.70 14.70
C LYS A 196 -11.31 -28.89 13.99
N LYS A 197 -12.39 -29.01 14.73
CA LYS A 197 -13.68 -29.25 14.09
C LYS A 197 -14.04 -28.12 13.13
N HIS A 198 -13.75 -26.89 13.52
CA HIS A 198 -14.15 -25.74 12.70
C HIS A 198 -13.21 -25.48 11.54
N LYS A 199 -11.93 -25.79 11.72
CA LYS A 199 -11.00 -25.77 10.58
C LYS A 199 -11.49 -26.76 9.50
N ASP A 200 -11.85 -27.97 9.90
CA ASP A 200 -12.24 -28.99 8.94
C ASP A 200 -13.48 -28.53 8.15
N ILE A 201 -14.38 -27.83 8.83
CA ILE A 201 -15.60 -27.35 8.20
C ILE A 201 -15.27 -26.27 7.19
N PHE A 202 -14.39 -25.36 7.60
CA PHE A 202 -13.95 -24.30 6.72
C PHE A 202 -13.31 -24.86 5.45
N ILE A 203 -12.39 -25.79 5.64
CA ILE A 203 -11.70 -26.43 4.53
C ILE A 203 -12.69 -27.11 3.58
N LYS A 204 -13.66 -27.83 4.13
CA LYS A 204 -14.65 -28.49 3.29
C LYS A 204 -15.47 -27.50 2.44
N TYR A 205 -15.88 -26.38 3.04
CA TYR A 205 -16.59 -25.35 2.25
C TYR A 205 -15.76 -24.90 1.05
N LEU A 206 -14.49 -24.59 1.30
CA LEU A 206 -13.60 -24.10 0.25
C LEU A 206 -13.42 -25.13 -0.85
N GLN A 207 -13.31 -26.39 -0.45
CA GLN A 207 -13.19 -27.48 -1.41
C GLN A 207 -14.45 -27.73 -2.22
N ASP A 208 -15.61 -27.39 -1.66
CA ASP A 208 -16.87 -27.55 -2.37
C ASP A 208 -17.11 -26.46 -3.41
N ASN A 209 -16.33 -25.39 -3.35
CA ASN A 209 -16.54 -24.26 -4.25
C ASN A 209 -16.32 -24.63 -5.72
N ASN A 210 -17.16 -24.09 -6.60
CA ASN A 210 -17.10 -24.39 -8.02
C ASN A 210 -16.78 -23.17 -8.91
N THR A 211 -16.63 -21.99 -8.32
CA THR A 211 -16.47 -20.79 -9.15
C THR A 211 -15.07 -20.53 -9.68
N GLY A 212 -14.06 -21.22 -9.14
CA GLY A 212 -12.69 -21.00 -9.57
C GLY A 212 -12.11 -22.02 -10.53
N ALA A 213 -12.96 -22.77 -11.22
CA ALA A 213 -12.46 -23.78 -12.15
C ALA A 213 -11.52 -23.20 -13.21
N ASN A 214 -11.71 -21.94 -13.57
N ASN A 214 -11.70 -21.93 -13.54
CA ASN A 214 -10.91 -21.34 -14.63
CA ASN A 214 -10.97 -21.30 -14.62
C ASN A 214 -9.87 -20.37 -14.11
C ASN A 214 -9.86 -20.38 -14.11
N ARG A 215 -9.56 -20.50 -12.82
CA ARG A 215 -8.55 -19.64 -12.21
C ARG A 215 -7.38 -20.48 -11.71
N ILE A 216 -7.07 -20.44 -10.43
CA ILE A 216 -5.90 -21.19 -9.96
C ILE A 216 -5.98 -22.69 -10.29
N ALA A 217 -7.15 -23.27 -10.04
CA ALA A 217 -7.35 -24.70 -10.25
C ALA A 217 -6.99 -25.13 -11.67
N PHE A 218 -7.25 -24.24 -12.62
CA PHE A 218 -7.02 -24.51 -14.04
C PHE A 218 -5.57 -24.91 -14.32
N SER A 219 -4.65 -24.49 -13.46
CA SER A 219 -3.23 -24.66 -13.73
C SER A 219 -2.51 -25.58 -12.75
N MSE A 220 -3.24 -26.07 -11.75
CA MSE A 220 -2.68 -26.99 -10.76
C MSE A 220 -2.53 -28.37 -11.40
O MSE A 220 -3.38 -28.79 -12.20
CB MSE A 220 -3.58 -27.06 -9.51
CG MSE A 220 -3.48 -25.88 -8.48
SE MSE A 220 -1.69 -25.26 -8.23
CE MSE A 220 -1.71 -23.77 -9.48
N PRO A 221 -1.47 -29.10 -11.05
CA PRO A 221 -1.43 -30.51 -11.45
C PRO A 221 -2.70 -31.20 -10.95
N LYS A 222 -3.21 -32.13 -11.73
CA LYS A 222 -4.53 -32.71 -11.45
C LYS A 222 -4.61 -33.56 -10.18
N ASP A 223 -3.45 -34.00 -9.67
CA ASP A 223 -3.40 -34.74 -8.41
C ASP A 223 -3.17 -33.85 -7.19
N TRP A 224 -3.11 -32.54 -7.40
CA TRP A 224 -3.08 -31.58 -6.29
C TRP A 224 -4.50 -31.22 -5.87
N ILE A 225 -4.78 -31.23 -4.57
CA ILE A 225 -6.10 -30.87 -4.08
C ILE A 225 -6.18 -29.38 -3.80
N ILE A 226 -7.31 -28.76 -4.12
CA ILE A 226 -7.45 -27.32 -3.90
C ILE A 226 -8.83 -26.95 -3.35
N GLY A 227 -8.87 -25.91 -2.54
CA GLY A 227 -10.11 -25.27 -2.13
C GLY A 227 -9.87 -23.78 -2.32
N ASP A 228 -10.90 -23.00 -2.66
CA ASP A 228 -10.62 -21.60 -2.99
C ASP A 228 -11.85 -20.71 -2.92
N LYS A 229 -11.61 -19.41 -2.87
CA LYS A 229 -12.69 -18.43 -2.97
C LYS A 229 -12.28 -17.40 -4.00
N THR A 230 -13.16 -17.16 -4.97
CA THR A 230 -12.89 -16.19 -6.02
C THR A 230 -13.47 -14.82 -5.69
N GLY A 231 -13.13 -13.85 -6.52
CA GLY A 231 -13.73 -12.53 -6.42
C GLY A 231 -13.69 -11.89 -7.78
N THR A 232 -14.79 -11.24 -8.15
CA THR A 232 -14.89 -10.59 -9.44
C THR A 232 -15.72 -9.31 -9.29
N CYS A 233 -15.08 -8.15 -9.22
CA CYS A 233 -15.83 -6.91 -8.95
C CYS A 233 -16.77 -6.48 -10.08
N GLY A 234 -16.36 -6.73 -11.32
CA GLY A 234 -17.07 -6.22 -12.47
C GLY A 234 -16.65 -4.81 -12.82
N GLN A 235 -15.56 -4.35 -12.21
CA GLN A 235 -14.93 -3.11 -12.61
C GLN A 235 -13.44 -3.19 -12.33
N TYR A 236 -12.68 -2.29 -12.96
CA TYR A 236 -11.21 -2.26 -12.85
C TYR A 236 -10.59 -3.63 -13.10
N ALA A 237 -11.20 -4.38 -14.00
CA ALA A 237 -10.76 -5.73 -14.36
C ALA A 237 -10.48 -6.60 -13.13
N ALA A 238 -11.06 -6.26 -11.98
CA ALA A 238 -10.68 -6.92 -10.73
C ALA A 238 -11.07 -8.38 -10.74
N THR A 239 -10.07 -9.25 -10.66
CA THR A 239 -10.28 -10.68 -10.79
C THR A 239 -9.37 -11.37 -9.77
N ASN A 240 -9.96 -12.08 -8.80
CA ASN A 240 -9.16 -12.65 -7.70
C ASN A 240 -9.39 -14.13 -7.52
N ASP A 241 -8.40 -14.83 -6.98
CA ASP A 241 -8.61 -16.18 -6.53
C ASP A 241 -7.68 -16.42 -5.35
N VAL A 242 -8.22 -16.88 -4.22
CA VAL A 242 -7.37 -17.17 -3.05
C VAL A 242 -7.64 -18.60 -2.62
N ALA A 243 -6.57 -19.37 -2.47
CA ALA A 243 -6.68 -20.82 -2.44
C ALA A 243 -5.86 -21.46 -1.35
N ILE A 244 -6.30 -22.63 -0.92
CA ILE A 244 -5.44 -23.53 -0.18
C ILE A 244 -5.17 -24.71 -1.09
N ILE A 245 -3.93 -25.15 -1.13
CA ILE A 245 -3.52 -26.20 -2.05
C ILE A 245 -2.74 -27.24 -1.28
N TRP A 246 -3.05 -28.52 -1.55
CA TRP A 246 -2.33 -29.64 -0.97
C TRP A 246 -1.56 -30.33 -2.07
N PRO A 247 -0.27 -29.97 -2.22
CA PRO A 247 0.53 -30.60 -3.27
C PRO A 247 0.72 -32.07 -2.92
N LYS A 248 0.81 -32.93 -3.92
CA LYS A 248 0.99 -34.36 -3.63
C LYS A 248 2.22 -34.60 -2.76
N ASN A 249 2.01 -35.26 -1.62
CA ASN A 249 3.10 -35.63 -0.72
C ASN A 249 3.77 -34.44 -0.03
N GLN A 250 3.08 -33.30 0.04
CA GLN A 250 3.63 -32.13 0.69
C GLN A 250 2.60 -31.53 1.63
N GLN A 251 3.06 -30.65 2.52
CA GLN A 251 2.15 -29.99 3.44
C GLN A 251 1.38 -28.92 2.68
N PRO A 252 0.20 -28.54 3.21
CA PRO A 252 -0.59 -27.57 2.44
C PRO A 252 0.06 -26.19 2.36
N ILE A 253 -0.29 -25.46 1.31
CA ILE A 253 0.17 -24.08 1.15
C ILE A 253 -1.02 -23.20 0.86
N ALA A 254 -0.86 -21.89 1.06
CA ALA A 254 -1.92 -20.97 0.64
C ALA A 254 -1.38 -20.14 -0.49
N LEU A 255 -2.26 -19.74 -1.40
CA LEU A 255 -1.82 -18.95 -2.54
C LEU A 255 -2.91 -17.94 -2.86
N GLY A 256 -2.55 -16.67 -2.84
CA GLY A 256 -3.45 -15.60 -3.25
C GLY A 256 -2.94 -14.96 -4.52
N ILE A 257 -3.82 -14.80 -5.52
CA ILE A 257 -3.48 -14.08 -6.74
C ILE A 257 -4.58 -13.05 -7.00
N LEU A 258 -4.21 -11.76 -6.99
CA LEU A 258 -5.18 -10.69 -7.17
C LEU A 258 -4.76 -9.91 -8.40
N TYR A 259 -5.73 -9.46 -9.18
CA TYR A 259 -5.42 -8.74 -10.40
C TYR A 259 -6.35 -7.55 -10.52
N THR A 260 -5.82 -6.39 -10.89
CA THR A 260 -6.67 -5.24 -11.15
C THR A 260 -5.98 -4.29 -12.12
N ASN A 261 -6.79 -3.55 -12.87
CA ASN A 261 -6.27 -2.49 -13.73
C ASN A 261 -6.84 -1.19 -13.20
N PRO A 262 -6.07 -0.50 -12.35
CA PRO A 262 -6.60 0.69 -11.70
C PRO A 262 -6.78 1.84 -12.69
N ASN A 263 -6.31 1.68 -13.92
CA ASN A 263 -6.40 2.75 -14.92
C ASN A 263 -7.60 2.67 -15.84
N ASP A 264 -8.43 1.66 -15.66
CA ASP A 264 -9.55 1.45 -16.57
C ASP A 264 -10.75 0.87 -15.82
N LYS A 265 -11.65 1.76 -15.40
CA LYS A 265 -12.80 1.32 -14.61
C LYS A 265 -13.63 0.31 -15.36
N ASN A 266 -13.75 0.49 -16.67
CA ASN A 266 -14.61 -0.39 -17.44
C ASN A 266 -13.95 -1.66 -17.97
N ALA A 267 -12.67 -1.86 -17.67
CA ALA A 267 -12.01 -3.09 -18.15
C ALA A 267 -12.67 -4.33 -17.53
N PRO A 268 -12.93 -5.35 -18.34
CA PRO A 268 -13.61 -6.56 -17.88
C PRO A 268 -12.65 -7.49 -17.13
N SER A 269 -13.19 -8.45 -16.40
CA SER A 269 -12.38 -9.43 -15.67
C SER A 269 -11.43 -10.19 -16.60
N ASN A 270 -10.34 -10.70 -16.04
CA ASN A 270 -9.33 -11.39 -16.82
C ASN A 270 -8.88 -12.65 -16.08
N GLU A 271 -9.47 -13.79 -16.43
CA GLU A 271 -9.12 -15.05 -15.80
C GLU A 271 -7.81 -15.63 -16.35
N GLU A 272 -7.49 -15.28 -17.59
CA GLU A 272 -6.32 -15.87 -18.23
C GLU A 272 -5.03 -15.48 -17.52
N ILE A 273 -4.95 -14.25 -17.04
CA ILE A 273 -3.74 -13.85 -16.35
C ILE A 273 -3.57 -14.64 -15.05
N ILE A 274 -4.67 -14.90 -14.35
CA ILE A 274 -4.62 -15.75 -13.18
C ILE A 274 -4.12 -17.15 -13.57
N GLN A 275 -4.65 -17.69 -14.67
CA GLN A 275 -4.21 -19.01 -15.12
C GLN A 275 -2.70 -19.05 -15.32
N GLN A 276 -2.19 -18.02 -15.97
CA GLN A 276 -0.79 -18.01 -16.34
C GLN A 276 0.11 -17.80 -15.13
N ALA A 277 -0.30 -16.91 -14.23
CA ALA A 277 0.43 -16.70 -12.98
C ALA A 277 0.44 -17.98 -12.17
N ALA A 278 -0.70 -18.66 -12.10
CA ALA A 278 -0.80 -19.90 -11.32
C ALA A 278 0.08 -21.00 -11.91
N LYS A 279 0.25 -20.99 -13.22
CA LYS A 279 1.06 -22.01 -13.87
C LYS A 279 2.54 -21.80 -13.57
N LEU A 280 2.94 -20.52 -13.56
CA LEU A 280 4.31 -20.17 -13.21
C LEU A 280 4.58 -20.68 -11.81
N ILE A 281 3.61 -20.48 -10.94
CA ILE A 281 3.79 -20.84 -9.55
C ILE A 281 3.85 -22.35 -9.38
N ALA A 282 2.94 -23.05 -10.06
CA ALA A 282 2.91 -24.51 -10.00
C ALA A 282 4.24 -25.08 -10.46
N ASN A 283 4.79 -24.51 -11.54
CA ASN A 283 6.08 -24.97 -12.06
C ASN A 283 7.20 -24.78 -11.04
N ASP A 284 7.17 -23.63 -10.36
CA ASP A 284 8.20 -23.31 -9.38
C ASP A 284 8.10 -24.21 -8.16
N LEU A 285 6.88 -24.41 -7.67
CA LEU A 285 6.67 -25.29 -6.54
C LEU A 285 7.15 -26.71 -6.85
N THR A 286 6.81 -27.20 -8.02
CA THR A 286 7.19 -28.52 -8.46
C THR A 286 8.71 -28.64 -8.50
N ASN A 287 9.35 -27.60 -9.00
CA ASN A 287 10.81 -27.53 -8.99
C ASN A 287 11.34 -27.57 -7.56
N THR A 288 10.68 -26.83 -6.66
CA THR A 288 11.07 -26.79 -5.26
C THR A 288 11.00 -28.17 -4.60
N TYR A 289 9.87 -28.83 -4.80
CA TYR A 289 9.61 -30.13 -4.17
C TYR A 289 10.46 -31.24 -4.78
N LYS A 290 11.02 -30.96 -5.95
CA LYS A 290 11.80 -31.96 -6.67
C LYS A 290 13.16 -32.14 -6.01
N GLN B 23 16.43 -8.89 12.69
CA GLN B 23 16.95 -8.28 13.91
C GLN B 23 16.67 -6.79 13.89
N LEU B 24 17.06 -6.13 12.80
CA LEU B 24 16.72 -4.73 12.59
C LEU B 24 15.21 -4.59 12.52
N ASP B 25 14.58 -5.54 11.83
CA ASP B 25 13.13 -5.60 11.74
C ASP B 25 12.51 -5.60 13.14
N ASP B 26 13.12 -6.35 14.06
CA ASP B 26 12.63 -6.42 15.43
C ASP B 26 12.83 -5.07 16.11
N SER B 27 13.95 -4.44 15.83
CA SER B 27 14.26 -3.12 16.36
C SER B 27 13.22 -2.07 15.93
N PHE B 28 12.81 -2.11 14.67
CA PHE B 28 11.87 -1.10 14.19
C PHE B 28 10.48 -1.34 14.77
N LYS B 29 10.11 -2.61 14.87
CA LYS B 29 8.84 -2.99 15.46
C LYS B 29 8.75 -2.48 16.89
N ASN B 30 9.86 -2.56 17.60
CA ASN B 30 9.91 -2.07 18.97
C ASN B 30 9.69 -0.56 19.08
N LEU B 31 10.20 0.17 18.10
CA LEU B 31 9.90 1.60 18.00
C LEU B 31 8.40 1.83 17.86
N GLU B 32 7.77 1.01 17.02
CA GLU B 32 6.33 1.14 16.83
C GLU B 32 5.55 0.84 18.11
N ASN B 33 5.99 -0.19 18.83
CA ASN B 33 5.41 -0.51 20.13
C ASN B 33 5.58 0.66 21.10
N LYS B 34 6.78 1.21 21.11
CA LYS B 34 7.13 2.31 21.98
C LYS B 34 6.26 3.54 21.74
N TYR B 35 6.05 3.87 20.47
CA TYR B 35 5.49 5.19 20.13
C TYR B 35 4.14 5.18 19.45
N ASP B 36 3.58 3.99 19.24
CA ASP B 36 2.37 3.83 18.44
C ASP B 36 2.69 4.20 16.99
N GLY B 37 1.78 3.87 16.09
CA GLY B 37 1.93 4.27 14.71
C GLY B 37 2.82 3.37 13.89
N LYS B 38 3.20 3.86 12.71
CA LYS B 38 3.96 3.08 11.75
C LYS B 38 5.25 3.81 11.39
N ILE B 39 6.36 3.09 11.33
CA ILE B 39 7.61 3.68 10.90
C ILE B 39 7.97 3.05 9.56
N GLY B 40 8.42 3.87 8.62
CA GLY B 40 8.75 3.39 7.28
C GLY B 40 10.20 3.71 6.94
N ILE B 41 10.92 2.72 6.41
CA ILE B 41 12.36 2.86 6.21
C ILE B 41 12.85 2.26 4.90
N TYR B 42 13.72 2.97 4.22
CA TYR B 42 14.35 2.43 3.03
C TYR B 42 15.73 3.04 2.88
N THR B 43 16.72 2.20 2.58
CA THR B 43 18.04 2.70 2.24
C THR B 43 18.40 2.26 0.82
N LEU B 44 19.18 3.07 0.14
CA LEU B 44 19.61 2.74 -1.20
C LEU B 44 21.11 2.99 -1.30
N ASN B 45 21.86 1.91 -1.52
CA ASN B 45 23.32 1.98 -1.57
C ASN B 45 23.83 2.16 -2.99
N THR B 46 25.00 2.79 -3.11
CA THR B 46 25.66 2.94 -4.39
C THR B 46 26.31 1.62 -4.80
N ASP B 47 27.09 1.04 -3.87
CA ASP B 47 27.77 -0.23 -4.11
C ASP B 47 26.81 -1.34 -4.53
N ASN B 51 20.68 -3.62 1.25
CA ASN B 51 20.05 -2.43 1.82
C ASN B 51 19.02 -2.77 2.90
N ILE B 52 18.61 -1.75 3.65
CA ILE B 52 17.73 -1.93 4.82
C ILE B 52 16.33 -1.39 4.50
N LYS B 53 15.30 -2.11 4.92
CA LYS B 53 13.93 -1.72 4.55
C LYS B 53 12.91 -2.24 5.54
N TYR B 54 11.88 -1.42 5.79
CA TYR B 54 10.85 -1.77 6.76
C TYR B 54 9.62 -0.96 6.39
N ASN B 55 8.50 -1.65 6.22
CA ASN B 55 7.26 -1.02 5.80
C ASN B 55 7.51 -0.18 4.57
N GLU B 56 8.38 -0.66 3.69
CA GLU B 56 8.88 0.19 2.63
C GLU B 56 7.86 0.46 1.53
N SER B 57 6.76 -0.29 1.54
CA SER B 57 5.69 -0.08 0.56
C SER B 57 4.40 0.42 1.21
N TYR B 58 4.47 0.74 2.50
CA TYR B 58 3.34 1.33 3.21
C TYR B 58 3.25 2.81 2.81
N HIS B 59 2.04 3.33 2.67
CA HIS B 59 1.87 4.74 2.30
C HIS B 59 1.81 5.69 3.51
N PHE B 60 2.64 6.73 3.47
CA PHE B 60 2.71 7.73 4.52
C PHE B 60 2.45 9.13 3.93
N PRO B 61 1.81 10.02 4.71
CA PRO B 61 1.69 11.41 4.25
C PRO B 61 3.05 11.93 3.82
N ILE B 62 3.12 12.54 2.64
CA ILE B 62 4.40 13.05 2.15
C ILE B 62 4.78 14.39 2.81
N CYS B 63 3.77 15.23 3.11
CA CYS B 63 4.02 16.52 3.75
C CYS B 63 5.02 17.32 2.91
N SER B 64 5.88 18.11 3.56
CA SER B 64 6.80 19.01 2.83
C SER B 64 7.91 18.31 2.07
N VAL B 65 8.02 17.00 2.25
CA VAL B 65 9.05 16.26 1.52
C VAL B 65 8.86 16.42 0.01
N PHE B 66 7.63 16.69 -0.42
CA PHE B 66 7.36 16.86 -1.84
C PHE B 66 8.18 17.98 -2.47
N LYS B 67 8.64 18.91 -1.65
CA LYS B 67 9.36 20.06 -2.20
C LYS B 67 10.66 19.66 -2.90
N PHE B 68 11.28 18.54 -2.54
CA PHE B 68 12.48 18.14 -3.27
C PHE B 68 12.15 17.56 -4.65
N LEU B 69 10.98 16.96 -4.77
CA LEU B 69 10.52 16.48 -6.08
C LEU B 69 10.20 17.69 -6.96
N LEU B 70 9.57 18.69 -6.36
CA LEU B 70 9.30 19.94 -7.07
C LEU B 70 10.60 20.56 -7.57
N VAL B 71 11.57 20.75 -6.68
CA VAL B 71 12.83 21.35 -7.11
C VAL B 71 13.51 20.53 -8.21
N GLY B 72 13.41 19.20 -8.14
CA GLY B 72 13.94 18.38 -9.20
C GLY B 72 13.24 18.65 -10.53
N ALA B 73 11.92 18.78 -10.50
CA ALA B 73 11.16 19.08 -11.70
C ALA B 73 11.58 20.44 -12.29
N ILE B 74 11.91 21.38 -11.41
CA ILE B 74 12.34 22.71 -11.83
C ILE B 74 13.69 22.61 -12.54
N LEU B 75 14.57 21.79 -11.99
CA LEU B 75 15.90 21.61 -12.57
C LEU B 75 15.78 20.94 -13.93
N ASP B 76 14.90 19.94 -14.03
CA ASP B 76 14.60 19.28 -15.30
C ASP B 76 14.02 20.30 -16.30
N TYR B 77 13.15 21.16 -15.83
CA TYR B 77 12.60 22.22 -16.67
C TYR B 77 13.72 23.13 -17.18
N ASP B 78 14.65 23.48 -16.30
CA ASP B 78 15.79 24.29 -16.73
C ASP B 78 16.57 23.64 -17.88
N MSE B 79 16.75 22.32 -17.80
N MSE B 79 16.76 22.33 -17.81
CA MSE B 79 17.48 21.61 -18.84
CA MSE B 79 17.51 21.64 -18.86
C MSE B 79 16.80 21.74 -20.20
C MSE B 79 16.79 21.72 -20.21
O MSE B 79 17.47 21.70 -21.23
O MSE B 79 17.45 21.62 -21.26
CB MSE B 79 17.62 20.13 -18.48
CB MSE B 79 17.78 20.18 -18.48
CG MSE B 79 18.70 19.86 -17.46
CG MSE B 79 19.26 19.86 -18.37
SE MSE B 79 18.58 18.02 -16.85
SE MSE B 79 19.67 17.99 -18.74
CE MSE B 79 18.83 17.08 -18.54
CE MSE B 79 18.30 17.19 -17.62
N HIS B 80 15.48 21.89 -20.20
CA HIS B 80 14.71 21.98 -21.44
C HIS B 80 14.42 23.43 -21.86
N ASN B 81 14.60 24.36 -20.93
CA ASN B 81 14.28 25.77 -21.16
C ASN B 81 15.43 26.62 -20.63
N GLN B 82 16.52 26.66 -21.39
CA GLN B 82 17.77 27.26 -20.96
C GLN B 82 17.59 28.64 -20.30
N GLY B 83 18.25 28.84 -19.17
CA GLY B 83 18.24 30.11 -18.48
C GLY B 83 17.14 30.23 -17.44
N PHE B 84 16.29 29.22 -17.35
CA PHE B 84 15.16 29.25 -16.44
C PHE B 84 15.60 29.53 -15.00
N LEU B 85 16.72 28.94 -14.58
CA LEU B 85 17.19 29.13 -13.21
C LEU B 85 17.45 30.59 -12.86
N ASP B 86 17.74 31.39 -13.89
CA ASP B 86 17.99 32.80 -13.65
C ASP B 86 16.78 33.69 -13.84
N LYS B 87 15.65 33.10 -14.22
CA LYS B 87 14.47 33.92 -14.46
C LYS B 87 14.07 34.67 -13.18
N LYS B 88 13.79 35.96 -13.32
CA LYS B 88 13.41 36.79 -12.18
C LYS B 88 11.90 36.74 -11.97
N ILE B 89 11.49 36.35 -10.76
CA ILE B 89 10.09 36.18 -10.44
C ILE B 89 9.69 37.20 -9.38
N PRO B 90 8.66 38.02 -9.66
CA PRO B 90 8.21 39.01 -8.68
C PRO B 90 7.47 38.33 -7.54
N ILE B 91 7.73 38.77 -6.31
CA ILE B 91 7.04 38.22 -5.15
C ILE B 91 5.93 39.16 -4.67
N ASN B 92 4.69 38.69 -4.70
CA ASN B 92 3.55 39.53 -4.33
C ASN B 92 2.94 39.06 -3.02
N GLN B 93 2.29 39.97 -2.30
CA GLN B 93 1.67 39.61 -1.03
C GLN B 93 0.73 38.42 -1.17
N ASP B 94 0.05 38.35 -2.32
CA ASP B 94 -0.92 37.28 -2.52
C ASP B 94 -0.22 35.92 -2.62
N ASP B 95 1.09 35.92 -2.85
CA ASP B 95 1.86 34.68 -2.86
C ASP B 95 2.08 34.18 -1.44
N ILE B 96 2.24 35.11 -0.50
CA ILE B 96 2.44 34.74 0.89
C ILE B 96 1.11 34.31 1.52
N GLY B 97 0.07 35.12 1.32
CA GLY B 97 -1.24 34.80 1.84
C GLY B 97 -1.23 34.52 3.33
N LYS B 98 -1.84 33.40 3.73
CA LYS B 98 -1.87 33.02 5.13
C LYS B 98 -0.86 31.92 5.45
N LEU B 99 0.13 31.76 4.60
CA LEU B 99 1.17 30.76 4.85
C LEU B 99 2.17 31.33 5.84
N GLY B 100 2.34 30.67 6.97
CA GLY B 100 3.15 31.21 8.06
C GLY B 100 4.65 30.96 7.98
N TYR B 101 5.06 29.90 7.29
CA TYR B 101 6.50 29.63 7.19
C TYR B 101 7.04 30.13 5.87
N ALA B 102 7.66 31.32 5.91
CA ALA B 102 8.19 31.98 4.73
C ALA B 102 9.50 32.71 4.99
N PRO B 103 10.52 31.99 5.46
CA PRO B 103 11.79 32.60 5.91
C PRO B 103 12.50 33.42 4.82
N ILE B 104 12.33 33.05 3.56
CA ILE B 104 12.93 33.81 2.47
C ILE B 104 11.93 34.71 1.74
N THR B 105 10.74 34.19 1.44
CA THR B 105 9.81 34.94 0.60
C THR B 105 9.13 36.14 1.29
N ALA B 106 8.80 36.00 2.56
CA ALA B 106 8.12 37.10 3.25
C ALA B 106 8.94 38.39 3.16
N LYS B 107 10.24 38.27 3.36
CA LYS B 107 11.15 39.41 3.29
C LYS B 107 11.07 40.13 1.95
N ASN B 108 10.83 39.38 0.89
CA ASN B 108 11.07 39.87 -0.46
C ASN B 108 9.82 40.33 -1.21
N VAL B 109 8.71 40.49 -0.51
CA VAL B 109 7.50 41.00 -1.13
C VAL B 109 7.75 42.38 -1.75
N GLY B 110 7.29 42.55 -2.99
CA GLY B 110 7.53 43.77 -3.74
C GLY B 110 8.82 43.70 -4.55
N LYS B 111 9.61 42.66 -4.32
CA LYS B 111 10.88 42.49 -5.01
C LYS B 111 10.84 41.24 -5.90
N THR B 112 11.98 40.85 -6.43
CA THR B 112 12.04 39.65 -7.27
C THR B 112 13.07 38.65 -6.74
N LEU B 113 12.77 37.36 -6.90
CA LEU B 113 13.72 36.31 -6.61
C LEU B 113 13.91 35.48 -7.86
N THR B 114 15.12 34.96 -8.08
CA THR B 114 15.33 34.05 -9.19
C THR B 114 14.75 32.68 -8.85
N ILE B 115 14.46 31.90 -9.88
CA ILE B 115 13.98 30.53 -9.75
C ILE B 115 14.96 29.74 -8.88
N SER B 116 16.25 29.97 -9.09
CA SER B 116 17.26 29.30 -8.30
C SER B 116 17.15 29.65 -6.81
N GLN B 117 16.93 30.94 -6.53
CA GLN B 117 16.72 31.40 -5.16
C GLN B 117 15.47 30.74 -4.55
N LEU B 118 14.41 30.66 -5.34
CA LEU B 118 13.18 30.00 -4.92
C LEU B 118 13.38 28.50 -4.66
N ASN B 119 14.21 27.86 -5.47
CA ASN B 119 14.52 26.46 -5.28
C ASN B 119 15.13 26.26 -3.91
N TYR B 120 16.12 27.07 -3.60
CA TYR B 120 16.77 26.99 -2.30
C TYR B 120 15.75 27.19 -1.17
N ALA B 121 14.95 28.25 -1.28
CA ALA B 121 13.90 28.51 -0.31
C ALA B 121 12.99 27.30 -0.11
N ALA B 122 12.52 26.74 -1.22
CA ALA B 122 11.65 25.57 -1.17
C ALA B 122 12.31 24.42 -0.42
N ILE B 123 13.60 24.18 -0.66
CA ILE B 123 14.30 23.11 0.07
C ILE B 123 14.41 23.41 1.56
N LEU B 124 14.44 24.70 1.92
CA LEU B 124 14.42 25.09 3.31
C LEU B 124 12.99 25.09 3.85
N SER B 125 12.07 24.59 3.03
CA SER B 125 10.65 24.42 3.35
C SER B 125 9.78 25.70 3.37
N ASP B 126 10.27 26.77 2.73
CA ASP B 126 9.49 28.01 2.51
C ASP B 126 8.23 27.68 1.69
N SER B 127 7.05 27.86 2.28
CA SER B 127 5.81 27.48 1.62
C SER B 127 5.41 28.34 0.41
N PRO B 128 5.44 29.67 0.54
CA PRO B 128 5.14 30.48 -0.64
C PRO B 128 6.07 30.18 -1.81
N ALA B 129 7.36 29.96 -1.54
CA ALA B 129 8.28 29.64 -2.63
C ALA B 129 7.86 28.36 -3.36
N SER B 130 7.39 27.37 -2.61
CA SER B 130 6.95 26.11 -3.19
C SER B 130 5.76 26.31 -4.12
N ASN B 131 4.77 27.07 -3.65
CA ASN B 131 3.60 27.36 -4.46
C ASN B 131 3.94 28.14 -5.72
N ILE B 132 4.86 29.09 -5.58
CA ILE B 132 5.35 29.84 -6.73
C ILE B 132 6.00 28.91 -7.76
N LEU B 133 6.82 27.98 -7.30
CA LEU B 133 7.51 27.07 -8.22
C LEU B 133 6.50 26.17 -8.92
N VAL B 134 5.52 25.70 -8.18
CA VAL B 134 4.47 24.89 -8.80
C VAL B 134 3.87 25.67 -9.97
N ARG B 135 3.47 26.91 -9.73
CA ARG B 135 2.90 27.77 -10.78
C ARG B 135 3.85 27.94 -11.97
N GLU B 136 5.09 28.32 -11.70
CA GLU B 136 6.07 28.55 -12.76
C GLU B 136 6.41 27.28 -13.54
N LEU B 137 6.21 26.13 -12.91
CA LEU B 137 6.46 24.86 -13.58
C LEU B 137 5.35 24.56 -14.59
N GLY B 138 4.22 25.25 -14.46
CA GLY B 138 3.07 24.95 -15.30
C GLY B 138 1.95 24.26 -14.53
N GLY B 139 2.18 23.99 -13.26
CA GLY B 139 1.14 23.44 -12.41
C GLY B 139 1.34 22.01 -11.93
N LEU B 140 0.42 21.58 -11.07
CA LEU B 140 0.48 20.25 -10.48
C LEU B 140 0.57 19.12 -11.51
N GLN B 141 -0.16 19.24 -12.61
CA GLN B 141 -0.09 18.22 -13.67
C GLN B 141 1.34 17.99 -14.14
N ASN B 142 2.07 19.09 -14.35
CA ASN B 142 3.46 18.98 -14.81
C ASN B 142 4.38 18.39 -13.74
N LEU B 143 4.15 18.74 -12.48
CA LEU B 143 4.88 18.10 -11.38
C LEU B 143 4.62 16.59 -11.34
N ASN B 144 3.36 16.22 -11.43
CA ASN B 144 3.02 14.81 -11.47
C ASN B 144 3.57 14.08 -12.70
N LYS B 145 3.59 14.75 -13.85
CA LYS B 145 4.24 14.15 -15.01
C LYS B 145 5.71 13.84 -14.75
N PHE B 146 6.41 14.76 -14.10
CA PHE B 146 7.83 14.57 -13.80
C PHE B 146 8.06 13.44 -12.81
N ILE B 147 7.22 13.37 -11.79
CA ILE B 147 7.33 12.28 -10.83
C ILE B 147 7.23 10.93 -11.52
N LYS B 148 6.27 10.78 -12.42
CA LYS B 148 6.18 9.55 -13.19
C LYS B 148 7.46 9.33 -14.00
N LYS B 149 8.00 10.40 -14.57
CA LYS B 149 9.23 10.32 -15.35
C LYS B 149 10.40 9.73 -14.53
N LEU B 150 10.40 10.00 -13.22
CA LEU B 150 11.40 9.42 -12.32
C LEU B 150 11.18 7.92 -12.09
N GLY B 151 10.07 7.40 -12.59
CA GLY B 151 9.72 6.00 -12.39
C GLY B 151 8.94 5.78 -11.10
N ASP B 152 8.46 6.86 -10.50
CA ASP B 152 7.69 6.79 -9.26
C ASP B 152 6.20 6.72 -9.54
N ASN B 153 5.61 5.55 -9.35
CA ASN B 153 4.16 5.41 -9.57
C ASN B 153 3.36 5.29 -8.29
N ASP B 154 3.99 5.58 -7.16
CA ASP B 154 3.36 5.43 -5.86
C ASP B 154 3.06 6.77 -5.18
N THR B 155 3.85 7.79 -5.49
CA THR B 155 3.62 9.12 -4.93
C THR B 155 2.45 9.80 -5.65
N ILE B 156 1.49 10.30 -4.89
CA ILE B 156 0.30 10.91 -5.49
C ILE B 156 0.09 12.26 -4.85
N ILE B 157 0.29 13.31 -5.62
CA ILE B 157 0.22 14.68 -5.12
C ILE B 157 -0.93 15.38 -5.81
N THR B 158 -1.84 15.95 -5.04
CA THR B 158 -3.04 16.57 -5.63
C THR B 158 -3.27 18.01 -5.21
N ALA B 159 -2.33 18.58 -4.48
CA ALA B 159 -2.45 19.95 -4.00
C ALA B 159 -1.08 20.46 -3.61
N ASP B 160 -0.94 21.78 -3.50
CA ASP B 160 0.26 22.39 -2.95
C ASP B 160 -0.01 22.87 -1.53
N GLU B 161 0.77 23.83 -1.07
CA GLU B 161 0.70 24.30 0.31
C GLU B 161 -0.52 25.16 0.56
N PRO B 162 -1.22 24.91 1.67
CA PRO B 162 -0.93 23.89 2.68
C PRO B 162 -1.78 22.64 2.55
N GLU B 163 -2.65 22.56 1.55
CA GLU B 163 -3.61 21.46 1.47
C GLU B 163 -2.94 20.08 1.37
N ILE B 164 -1.77 20.03 0.76
CA ILE B 164 -1.04 18.77 0.61
C ILE B 164 -0.79 18.07 1.94
N ASN B 165 -0.78 18.84 3.03
CA ASN B 165 -0.54 18.30 4.36
C ASN B 165 -1.70 17.48 4.91
N TYR B 166 -2.82 17.49 4.22
CA TYR B 166 -4.02 16.85 4.78
C TYR B 166 -4.39 15.56 4.07
N THR B 167 -4.47 14.49 4.87
CA THR B 167 -4.67 13.15 4.33
C THR B 167 -5.77 12.47 5.11
N GLN B 168 -6.17 11.28 4.64
CA GLN B 168 -7.08 10.40 5.36
C GLN B 168 -6.39 9.04 5.45
N PRO B 169 -6.61 8.32 6.57
CA PRO B 169 -5.89 7.07 6.85
C PRO B 169 -5.95 6.03 5.73
N HIS B 170 -7.10 5.89 5.08
CA HIS B 170 -7.26 4.82 4.07
C HIS B 170 -7.18 5.31 2.63
N SER B 171 -6.79 6.56 2.43
CA SER B 171 -6.59 7.09 1.08
C SER B 171 -5.10 7.33 0.82
N ASN B 172 -4.62 6.95 -0.35
CA ASN B 172 -3.22 7.21 -0.72
C ASN B 172 -2.97 8.61 -1.30
N ILE B 173 -4.02 9.43 -1.35
CA ILE B 173 -3.87 10.81 -1.81
C ILE B 173 -2.86 11.57 -0.93
N ASN B 174 -1.93 12.28 -1.57
CA ASN B 174 -0.91 13.07 -0.87
C ASN B 174 0.00 12.22 0.03
N LYS B 175 0.24 10.98 -0.39
CA LYS B 175 1.15 10.11 0.33
C LYS B 175 2.23 9.57 -0.60
N THR B 176 3.27 8.99 -0.01
CA THR B 176 4.29 8.30 -0.77
C THR B 176 4.71 7.05 0.00
N THR B 177 5.63 6.25 -0.55
CA THR B 177 6.17 5.14 0.22
C THR B 177 7.64 5.36 0.51
N PRO B 178 8.17 4.72 1.56
CA PRO B 178 9.60 4.89 1.84
C PRO B 178 10.45 4.49 0.62
N LYS B 179 10.14 3.34 0.01
CA LYS B 179 10.87 2.87 -1.18
C LYS B 179 10.82 3.89 -2.32
N ALA B 180 9.62 4.37 -2.64
CA ALA B 180 9.50 5.27 -3.79
C ALA B 180 10.23 6.61 -3.61
N ILE B 181 10.03 7.25 -2.46
CA ILE B 181 10.60 8.58 -2.22
C ILE B 181 12.13 8.51 -2.06
N THR B 182 12.63 7.39 -1.55
CA THR B 182 14.08 7.20 -1.37
C THR B 182 14.76 6.91 -2.71
N LYS B 183 14.14 6.06 -3.53
CA LYS B 183 14.57 5.91 -4.93
C LYS B 183 14.59 7.27 -5.63
N ASP B 184 13.60 8.11 -5.36
CA ASP B 184 13.51 9.42 -6.02
C ASP B 184 14.69 10.34 -5.69
N ILE B 185 14.98 10.48 -4.40
CA ILE B 185 16.04 11.40 -4.01
C ILE B 185 17.38 10.89 -4.55
N TYR B 186 17.56 9.56 -4.53
CA TYR B 186 18.81 8.98 -5.02
C TYR B 186 18.99 9.25 -6.52
N LYS B 187 17.92 9.03 -7.28
CA LYS B 187 17.93 9.24 -8.73
C LYS B 187 18.16 10.70 -9.10
N LEU B 188 17.54 11.61 -8.34
CA LEU B 188 17.74 13.03 -8.61
C LEU B 188 19.20 13.46 -8.36
N ALA B 189 19.84 12.86 -7.36
CA ALA B 189 21.21 13.26 -7.03
C ALA B 189 22.27 12.50 -7.83
N PHE B 190 21.99 11.25 -8.18
CA PHE B 190 23.03 10.42 -8.81
C PHE B 190 22.62 9.78 -10.13
N GLY B 191 21.34 9.90 -10.49
CA GLY B 191 20.81 9.16 -11.63
C GLY B 191 21.02 9.80 -12.98
N ASN B 192 20.19 9.40 -13.94
CA ASN B 192 20.36 9.80 -15.33
C ASN B 192 19.26 10.71 -15.89
N ILE B 193 18.42 11.28 -15.02
CA ILE B 193 17.45 12.26 -15.50
C ILE B 193 18.04 13.66 -15.53
N LEU B 194 18.59 14.10 -14.39
CA LEU B 194 19.33 15.36 -14.38
C LEU B 194 20.75 15.09 -14.87
N ASP B 195 21.34 16.05 -15.57
CA ASP B 195 22.73 15.89 -15.99
C ASP B 195 23.70 16.29 -14.87
N LYS B 196 25.00 16.18 -15.16
CA LYS B 196 26.03 16.43 -14.16
C LYS B 196 25.82 17.76 -13.46
N LYS B 197 25.58 18.81 -14.24
CA LYS B 197 25.45 20.15 -13.71
C LYS B 197 24.28 20.31 -12.75
N HIS B 198 23.14 19.74 -13.11
CA HIS B 198 21.94 19.93 -12.30
C HIS B 198 21.89 19.00 -11.09
N LYS B 199 22.56 17.85 -11.19
CA LYS B 199 22.70 16.98 -10.02
C LYS B 199 23.52 17.73 -8.98
N ASP B 200 24.61 18.35 -9.43
CA ASP B 200 25.47 19.11 -8.51
C ASP B 200 24.72 20.24 -7.82
N ILE B 201 23.89 20.94 -8.57
CA ILE B 201 23.03 21.98 -8.00
C ILE B 201 22.05 21.38 -6.99
N PHE B 202 21.43 20.25 -7.35
CA PHE B 202 20.46 19.60 -6.48
C PHE B 202 21.13 19.20 -5.16
N ILE B 203 22.31 18.61 -5.28
CA ILE B 203 23.06 18.16 -4.13
C ILE B 203 23.38 19.34 -3.21
N LYS B 204 23.74 20.46 -3.81
CA LYS B 204 24.08 21.66 -3.05
C LYS B 204 22.88 22.16 -2.25
N TYR B 205 21.72 22.25 -2.88
CA TYR B 205 20.52 22.65 -2.17
C TYR B 205 20.34 21.80 -0.90
N LEU B 206 20.40 20.49 -1.07
CA LEU B 206 20.12 19.55 0.03
C LEU B 206 21.07 19.73 1.20
N GLN B 207 22.33 19.92 0.86
CA GLN B 207 23.38 20.02 1.85
C GLN B 207 23.27 21.35 2.60
N ASP B 208 22.52 22.29 2.04
CA ASP B 208 22.30 23.59 2.69
C ASP B 208 21.04 23.65 3.56
N ASN B 209 20.19 22.63 3.47
CA ASN B 209 18.98 22.62 4.28
C ASN B 209 19.31 22.75 5.77
N ASN B 210 18.38 23.33 6.53
CA ASN B 210 18.61 23.62 7.96
C ASN B 210 17.45 23.23 8.87
N THR B 211 16.47 22.49 8.35
CA THR B 211 15.34 22.07 9.17
C THR B 211 15.54 20.68 9.76
N GLY B 212 16.65 20.02 9.45
CA GLY B 212 16.81 18.60 9.78
C GLY B 212 17.80 18.24 10.86
N ALA B 213 18.27 19.23 11.61
CA ALA B 213 19.25 19.00 12.67
C ALA B 213 18.78 17.93 13.64
N ASN B 214 17.49 17.90 13.94
CA ASN B 214 16.98 17.00 14.95
C ASN B 214 16.36 15.74 14.38
N ARG B 215 16.64 15.45 13.12
CA ARG B 215 16.17 14.21 12.54
C ARG B 215 17.33 13.29 12.14
N ILE B 216 17.41 12.84 10.90
CA ILE B 216 18.47 11.90 10.54
C ILE B 216 19.87 12.36 11.00
N ALA B 217 20.20 13.63 10.74
CA ALA B 217 21.53 14.16 11.06
C ALA B 217 21.86 14.08 12.55
N PHE B 218 20.83 14.11 13.38
CA PHE B 218 21.00 14.03 14.83
C PHE B 218 21.74 12.74 15.20
N SER B 219 21.57 11.70 14.38
CA SER B 219 22.07 10.39 14.77
C SER B 219 23.24 9.87 13.91
N MSE B 220 23.72 10.69 12.98
CA MSE B 220 24.84 10.29 12.14
C MSE B 220 26.16 10.84 12.68
O MSE B 220 26.19 11.93 13.28
CB MSE B 220 24.62 10.76 10.70
CG MSE B 220 23.46 10.06 10.00
SE MSE B 220 23.84 8.19 9.59
CE MSE B 220 22.03 7.48 9.66
N PRO B 221 27.27 10.11 12.47
CA PRO B 221 28.61 10.60 12.84
C PRO B 221 28.80 12.01 12.31
N LYS B 222 29.31 12.91 13.15
CA LYS B 222 29.38 14.33 12.80
C LYS B 222 30.33 14.61 11.65
N ASP B 223 31.21 13.66 11.35
CA ASP B 223 32.14 13.79 10.25
C ASP B 223 31.43 13.69 8.90
N TRP B 224 30.24 13.10 8.91
CA TRP B 224 29.53 12.79 7.67
C TRP B 224 28.66 13.94 7.18
N ILE B 225 28.58 14.06 5.87
CA ILE B 225 27.78 15.10 5.24
C ILE B 225 26.38 14.58 4.90
N ILE B 226 25.36 15.35 5.28
CA ILE B 226 23.98 14.97 5.07
C ILE B 226 23.32 16.04 4.24
N GLY B 227 22.49 15.64 3.29
CA GLY B 227 21.59 16.56 2.63
C GLY B 227 20.22 15.93 2.75
N ASP B 228 19.22 16.71 3.13
CA ASP B 228 17.90 16.13 3.38
C ASP B 228 16.79 17.12 3.12
N LYS B 229 15.57 16.60 3.08
CA LYS B 229 14.37 17.41 3.08
C LYS B 229 13.47 16.80 4.14
N THR B 230 12.98 17.63 5.06
CA THR B 230 12.08 17.19 6.09
C THR B 230 10.63 17.35 5.64
N GLY B 231 9.72 16.69 6.36
CA GLY B 231 8.30 16.94 6.19
C GLY B 231 7.58 16.79 7.53
N THR B 232 6.62 17.67 7.79
CA THR B 232 5.86 17.61 9.04
C THR B 232 4.45 18.10 8.75
N CYS B 233 3.47 17.20 8.69
CA CYS B 233 2.11 17.59 8.28
C CYS B 233 1.36 18.43 9.30
N GLY B 234 1.63 18.21 10.58
CA GLY B 234 0.86 18.83 11.64
C GLY B 234 -0.33 17.97 12.04
N GLN B 235 -0.46 16.81 11.42
CA GLN B 235 -1.52 15.87 11.81
C GLN B 235 -1.04 14.43 11.67
N TYR B 236 -1.78 13.51 12.27
CA TYR B 236 -1.40 12.09 12.23
C TYR B 236 0.06 11.89 12.61
N ALA B 237 0.56 12.74 13.49
CA ALA B 237 1.94 12.64 13.96
C ALA B 237 2.95 12.56 12.81
N ALA B 238 2.57 12.99 11.62
CA ALA B 238 3.39 12.70 10.43
C ALA B 238 4.73 13.43 10.46
N THR B 239 5.83 12.66 10.49
CA THR B 239 7.17 13.22 10.66
C THR B 239 8.11 12.47 9.74
N ASN B 240 8.70 13.18 8.79
CA ASN B 240 9.51 12.55 7.75
C ASN B 240 10.87 13.19 7.64
N ASP B 241 11.85 12.41 7.22
CA ASP B 241 13.14 12.94 6.81
C ASP B 241 13.67 12.05 5.70
N VAL B 242 14.02 12.65 4.55
CA VAL B 242 14.55 11.90 3.42
C VAL B 242 15.90 12.50 3.05
N ALA B 243 16.94 11.68 3.04
CA ALA B 243 18.30 12.22 3.01
C ALA B 243 19.25 11.48 2.07
N ILE B 244 20.28 12.18 1.62
CA ILE B 244 21.44 11.53 1.01
C ILE B 244 22.55 11.66 2.04
N ILE B 245 23.27 10.57 2.25
CA ILE B 245 24.33 10.57 3.23
C ILE B 245 25.65 10.25 2.56
N TRP B 246 26.66 11.07 2.82
CA TRP B 246 28.01 10.85 2.32
C TRP B 246 28.92 10.47 3.48
N PRO B 247 29.10 9.16 3.72
CA PRO B 247 29.95 8.72 4.83
C PRO B 247 31.43 8.84 4.46
N LYS B 248 32.27 9.08 5.47
CA LYS B 248 33.70 9.14 5.25
C LYS B 248 34.22 7.84 4.65
N ASN B 249 34.91 7.95 3.52
CA ASN B 249 35.57 6.80 2.92
C ASN B 249 34.60 5.74 2.39
N GLN B 250 33.38 6.16 2.07
CA GLN B 250 32.39 5.24 1.52
C GLN B 250 31.54 5.92 0.46
N GLN B 251 30.93 5.12 -0.40
CA GLN B 251 29.98 5.63 -1.37
C GLN B 251 28.75 6.15 -0.64
N PRO B 252 28.06 7.12 -1.25
CA PRO B 252 26.85 7.69 -0.62
C PRO B 252 25.67 6.72 -0.61
N ILE B 253 24.72 6.95 0.29
CA ILE B 253 23.52 6.13 0.34
C ILE B 253 22.35 7.08 0.53
N ALA B 254 21.16 6.68 0.09
CA ALA B 254 19.97 7.48 0.33
C ALA B 254 19.20 6.80 1.45
N LEU B 255 18.52 7.59 2.29
CA LEU B 255 17.79 7.03 3.41
C LEU B 255 16.50 7.81 3.60
N GLY B 256 15.38 7.11 3.56
CA GLY B 256 14.10 7.74 3.84
C GLY B 256 13.51 7.14 5.09
N ILE B 257 13.15 8.01 6.03
CA ILE B 257 12.46 7.56 7.23
C ILE B 257 11.16 8.33 7.35
N LEU B 258 10.03 7.61 7.28
CA LEU B 258 8.74 8.26 7.36
C LEU B 258 8.00 7.74 8.58
N TYR B 259 7.25 8.61 9.24
CA TYR B 259 6.50 8.18 10.42
C TYR B 259 5.11 8.79 10.46
N THR B 260 4.13 7.98 10.83
CA THR B 260 2.77 8.46 10.96
C THR B 260 2.00 7.58 11.94
N ASN B 261 0.97 8.18 12.57
CA ASN B 261 0.07 7.45 13.42
C ASN B 261 -1.31 7.62 12.84
N PRO B 262 -1.74 6.66 12.00
CA PRO B 262 -3.01 6.79 11.29
C PRO B 262 -4.21 6.71 12.22
N ASN B 263 -4.00 6.33 13.47
CA ASN B 263 -5.10 6.17 14.43
C ASN B 263 -5.32 7.38 15.34
N ASP B 264 -4.52 8.43 15.17
CA ASP B 264 -4.66 9.61 16.00
C ASP B 264 -4.40 10.90 15.22
N LYS B 265 -5.47 11.49 14.69
CA LYS B 265 -5.31 12.67 13.86
C LYS B 265 -4.64 13.81 14.61
N ASN B 266 -4.93 13.93 15.90
CA ASN B 266 -4.39 15.05 16.67
C ASN B 266 -3.00 14.82 17.25
N ALA B 267 -2.43 13.63 17.02
CA ALA B 267 -1.11 13.31 17.55
C ALA B 267 -0.06 14.24 16.94
N PRO B 268 0.82 14.81 17.79
CA PRO B 268 1.84 15.75 17.34
C PRO B 268 3.02 15.03 16.69
N SER B 269 3.87 15.78 15.99
CA SER B 269 5.04 15.19 15.34
C SER B 269 5.97 14.55 16.35
N ASN B 270 6.76 13.58 15.89
CA ASN B 270 7.65 12.84 16.77
C ASN B 270 9.02 12.71 16.14
N GLU B 271 9.94 13.59 16.52
CA GLU B 271 11.28 13.56 15.94
C GLU B 271 12.14 12.51 16.63
N GLU B 272 11.75 12.13 17.85
CA GLU B 272 12.54 11.18 18.64
C GLU B 272 12.56 9.83 17.95
N ILE B 273 11.42 9.41 17.42
CA ILE B 273 11.39 8.12 16.74
C ILE B 273 12.26 8.13 15.48
N ILE B 274 12.33 9.26 14.77
CA ILE B 274 13.20 9.37 13.61
C ILE B 274 14.67 9.25 14.05
N GLN B 275 14.99 9.92 15.15
CA GLN B 275 16.35 9.90 15.68
C GLN B 275 16.75 8.47 16.03
N GLN B 276 15.81 7.71 16.59
CA GLN B 276 16.12 6.36 17.04
C GLN B 276 16.19 5.37 15.89
N ALA B 277 15.32 5.54 14.90
CA ALA B 277 15.43 4.77 13.67
C ALA B 277 16.78 5.03 13.01
N ALA B 278 17.14 6.32 12.92
CA ALA B 278 18.37 6.74 12.26
C ALA B 278 19.62 6.18 12.94
N LYS B 279 19.60 6.18 14.27
CA LYS B 279 20.68 5.59 15.04
C LYS B 279 20.92 4.14 14.64
N LEU B 280 19.82 3.38 14.52
CA LEU B 280 19.91 1.98 14.11
C LEU B 280 20.59 1.83 12.75
N ILE B 281 20.22 2.69 11.80
CA ILE B 281 20.86 2.70 10.50
C ILE B 281 22.34 3.01 10.64
N ALA B 282 22.66 3.93 11.54
CA ALA B 282 24.05 4.34 11.76
C ALA B 282 24.87 3.18 12.34
N ASN B 283 24.30 2.50 13.34
CA ASN B 283 24.95 1.30 13.88
C ASN B 283 25.29 0.33 12.77
N ASP B 284 24.36 0.14 11.84
CA ASP B 284 24.59 -0.78 10.73
C ASP B 284 25.72 -0.32 9.82
N LEU B 285 25.63 0.90 9.33
CA LEU B 285 26.61 1.41 8.38
C LEU B 285 28.01 1.43 8.99
N THR B 286 28.16 2.02 10.17
CA THR B 286 29.46 2.09 10.83
C THR B 286 30.06 0.70 11.09
N ASN B 287 29.20 -0.29 11.29
CA ASN B 287 29.67 -1.65 11.54
C ASN B 287 30.19 -2.32 10.29
N THR B 288 29.52 -2.08 9.17
CA THR B 288 29.95 -2.64 7.90
C THR B 288 31.26 -2.00 7.46
N TYR B 289 31.38 -0.70 7.72
CA TYR B 289 32.59 0.05 7.38
C TYR B 289 33.75 -0.28 8.32
S SO4 C . -7.91 -27.09 19.26
O1 SO4 C . -7.74 -27.65 17.92
O2 SO4 C . -7.90 -25.63 19.20
O3 SO4 C . -9.18 -27.55 19.81
O4 SO4 C . -6.82 -27.53 20.12
S SO4 D . 7.64 -12.21 3.45
O1 SO4 D . 7.99 -13.39 2.66
O2 SO4 D . 8.41 -11.06 2.96
O3 SO4 D . 6.22 -11.91 3.32
O4 SO4 D . 7.96 -12.45 4.85
S SO4 E . -22.85 -1.88 10.99
O1 SO4 E . -23.55 -2.71 10.00
O2 SO4 E . -21.88 -1.03 10.30
O3 SO4 E . -23.83 -1.04 11.68
O4 SO4 E . -22.16 -2.73 11.95
S SO4 F . -17.27 -14.15 -7.85
O1 SO4 F . -16.93 -14.31 -9.25
O2 SO4 F . -17.39 -12.73 -7.52
O3 SO4 F . -18.52 -14.81 -7.62
O4 SO4 F . -16.21 -14.72 -7.03
S SO4 G . 6.44 0.30 -10.83
O1 SO4 G . 6.00 -0.70 -11.81
O2 SO4 G . 7.23 1.33 -11.50
O3 SO4 G . 5.28 0.91 -10.19
O4 SO4 G . 7.28 -0.36 -9.83
S SO4 H . 14.18 -4.07 -2.75
O1 SO4 H . 13.94 -5.49 -2.94
O2 SO4 H . 14.65 -3.47 -4.00
O3 SO4 H . 12.92 -3.43 -2.36
O4 SO4 H . 15.19 -3.89 -1.71
S SO4 I . 8.82 20.85 7.64
O1 SO4 I . 9.55 19.60 7.84
O2 SO4 I . 9.65 21.80 6.92
O3 SO4 I . 7.59 20.58 6.88
O4 SO4 I . 8.46 21.41 8.94
C1 GOL J . -2.83 22.19 -13.18
O1 GOL J . -1.79 21.38 -13.69
C2 GOL J . -2.66 22.30 -11.67
O2 GOL J . -3.93 22.13 -11.06
C3 GOL J . -2.12 23.69 -11.32
O3 GOL J . -1.43 23.62 -10.08
#